data_1K0L
#
_entry.id   1K0L
#
_cell.length_a   70.875
_cell.length_b   138.882
_cell.length_c   92.140
_cell.angle_alpha   90
_cell.angle_beta   90
_cell.angle_gamma   90
#
_symmetry.space_group_name_H-M   'C 2 2 21'
#
loop_
_entity.id
_entity.type
_entity.pdbx_description
1 polymer 'P-HYDROXYBENZOATE HYDROXYLASE'
2 non-polymer 'SULFATE ION'
3 non-polymer 'SULFITE ION'
4 non-polymer 'FLAVIN-ADENINE DINUCLEOTIDE'
5 water water
#
_entity_poly.entity_id   1
_entity_poly.type   'polypeptide(L)'
_entity_poly.pdbx_seq_one_letter_code
;MKTQVAIIGAGPSGLLLGQLLHKAGIDNVILERQTPDYVLGRIRAGVLEQGMVDLLREAGVDRRMARDGLVHEGVEIAFA
GQRRRIDLKRLSGGKTVTVYGQTEVTRDLMEAREACGATTVYQAAEVRLHDLQGERPYVTFERDGERLRLDCDYIAGCDG
FHGISRQSIPAERLKVFERVYPFGWLGLLADTPPVSHELIYANHPRGFALCSQRSATRSQYYVQVPLSEKVEDWSDERFW
TELKARLPSEVAEKLVTGPSLEKSIAPLRSFVVEPMQHGRLFLAGDAAHIVPPTGAKGLNLAASDVSTLYRLLLKAYREG
RGELLERYSAICLRRIWKAERFSWWMTSVLHRFPDTDAFSQRIQQTELEYYLGSEAGLATIAENYVGLPYEEIE
;
_entity_poly.pdbx_strand_id   A
#
# COMPACT_ATOMS: atom_id res chain seq x y z
N MET A 1 -28.80 -14.12 2.71
CA MET A 1 -28.53 -12.79 2.07
C MET A 1 -28.19 -13.00 0.60
N LYS A 2 -28.42 -11.97 -0.20
CA LYS A 2 -28.15 -12.06 -1.63
C LYS A 2 -27.57 -10.74 -2.13
N THR A 3 -26.52 -10.84 -2.93
CA THR A 3 -25.87 -9.65 -3.47
C THR A 3 -25.23 -10.03 -4.80
N GLN A 4 -24.71 -9.03 -5.51
CA GLN A 4 -24.06 -9.31 -6.80
C GLN A 4 -22.58 -9.60 -6.59
N VAL A 5 -21.92 -8.80 -5.76
CA VAL A 5 -20.50 -9.01 -5.48
C VAL A 5 -20.26 -9.08 -3.98
N ALA A 6 -19.78 -10.23 -3.50
CA ALA A 6 -19.48 -10.40 -2.08
C ALA A 6 -18.06 -9.91 -1.89
N ILE A 7 -17.83 -9.11 -0.86
CA ILE A 7 -16.52 -8.54 -0.60
C ILE A 7 -16.02 -8.96 0.79
N ILE A 8 -14.95 -9.73 0.83
CA ILE A 8 -14.39 -10.17 2.11
C ILE A 8 -13.35 -9.16 2.55
N GLY A 9 -13.58 -8.51 3.68
CA GLY A 9 -12.63 -7.52 4.18
C GLY A 9 -13.06 -6.08 4.03
N ALA A 10 -13.01 -5.33 5.12
CA ALA A 10 -13.39 -3.92 5.10
C ALA A 10 -12.18 -3.01 5.36
N GLY A 11 -11.07 -3.32 4.70
CA GLY A 11 -9.89 -2.48 4.80
C GLY A 11 -9.99 -1.55 3.60
N PRO A 12 -8.90 -0.88 3.19
CA PRO A 12 -8.91 0.03 2.05
C PRO A 12 -9.40 -0.64 0.75
N SER A 13 -8.84 -1.81 0.43
CA SER A 13 -9.24 -2.52 -0.78
C SER A 13 -10.76 -2.77 -0.82
N GLY A 14 -11.27 -3.45 0.19
CA GLY A 14 -12.69 -3.78 0.22
C GLY A 14 -13.62 -2.58 0.22
N LEU A 15 -13.31 -1.60 1.06
CA LEU A 15 -14.11 -0.39 1.16
C LEU A 15 -14.14 0.39 -0.15
N LEU A 16 -12.99 0.52 -0.80
CA LEU A 16 -12.92 1.27 -2.04
C LEU A 16 -13.66 0.56 -3.18
N LEU A 17 -13.51 -0.76 -3.25
CA LEU A 17 -14.20 -1.55 -4.28
C LEU A 17 -15.72 -1.43 -4.09
N GLY A 18 -16.15 -1.56 -2.85
CA GLY A 18 -17.57 -1.48 -2.53
C GLY A 18 -18.19 -0.12 -2.78
N GLN A 19 -17.45 0.95 -2.53
CA GLN A 19 -17.99 2.29 -2.74
C GLN A 19 -18.06 2.56 -4.23
N LEU A 20 -17.06 2.08 -4.97
CA LEU A 20 -17.04 2.27 -6.41
C LEU A 20 -18.22 1.48 -7.00
N LEU A 21 -18.43 0.26 -6.50
CA LEU A 21 -19.51 -0.58 -6.98
C LEU A 21 -20.85 0.06 -6.60
N HIS A 22 -20.88 0.64 -5.40
CA HIS A 22 -22.09 1.29 -4.91
C HIS A 22 -22.53 2.38 -5.88
N LYS A 23 -21.60 3.26 -6.26
CA LYS A 23 -21.93 4.35 -7.15
C LYS A 23 -22.30 3.89 -8.55
N ALA A 24 -21.83 2.70 -8.91
CA ALA A 24 -22.10 2.16 -10.24
C ALA A 24 -23.41 1.36 -10.31
N GLY A 25 -24.11 1.24 -9.19
CA GLY A 25 -25.35 0.50 -9.20
C GLY A 25 -25.19 -1.01 -9.15
N ILE A 26 -24.05 -1.47 -8.68
CA ILE A 26 -23.79 -2.90 -8.58
C ILE A 26 -23.87 -3.31 -7.10
N ASP A 27 -24.83 -4.18 -6.80
CA ASP A 27 -25.06 -4.64 -5.43
C ASP A 27 -23.83 -5.30 -4.84
N ASN A 28 -23.52 -4.94 -3.60
CA ASN A 28 -22.35 -5.52 -2.95
C ASN A 28 -22.50 -5.52 -1.44
N VAL A 29 -21.84 -6.49 -0.83
CA VAL A 29 -21.85 -6.65 0.62
C VAL A 29 -20.41 -6.90 1.08
N ILE A 30 -20.03 -6.26 2.16
CA ILE A 30 -18.69 -6.42 2.72
C ILE A 30 -18.76 -7.16 4.05
N LEU A 31 -17.99 -8.24 4.16
CA LEU A 31 -17.97 -9.01 5.41
C LEU A 31 -16.61 -8.76 6.07
N GLU A 32 -16.64 -8.18 7.26
CA GLU A 32 -15.41 -7.87 7.99
C GLU A 32 -15.36 -8.67 9.29
N ARG A 33 -14.24 -9.33 9.52
CA ARG A 33 -14.05 -10.13 10.72
C ARG A 33 -13.95 -9.29 12.01
N GLN A 34 -13.25 -8.17 11.95
CA GLN A 34 -13.07 -7.33 13.15
C GLN A 34 -14.19 -6.30 13.31
N THR A 35 -14.04 -5.39 14.27
CA THR A 35 -15.03 -4.33 14.51
C THR A 35 -14.58 -3.06 13.82
N PRO A 36 -15.50 -2.10 13.62
CA PRO A 36 -15.17 -0.83 12.98
C PRO A 36 -13.99 -0.15 13.68
N ASP A 37 -14.06 -0.05 15.00
CA ASP A 37 -12.99 0.57 15.76
C ASP A 37 -11.68 -0.19 15.65
N TYR A 38 -11.76 -1.51 15.51
CA TYR A 38 -10.53 -2.28 15.38
C TYR A 38 -9.79 -1.94 14.09
N VAL A 39 -10.54 -1.87 12.99
CA VAL A 39 -9.95 -1.55 11.70
C VAL A 39 -9.38 -0.13 11.71
N LEU A 40 -10.15 0.79 12.28
CA LEU A 40 -9.73 2.18 12.37
C LEU A 40 -8.57 2.35 13.32
N GLY A 41 -8.37 1.35 14.18
CA GLY A 41 -7.29 1.39 15.15
C GLY A 41 -5.91 1.20 14.56
N ARG A 42 -5.85 0.66 13.35
CA ARG A 42 -4.56 0.45 12.68
C ARG A 42 -4.10 1.78 12.10
N ILE A 43 -3.07 2.36 12.72
CA ILE A 43 -2.56 3.65 12.25
C ILE A 43 -1.51 3.44 11.17
N ARG A 44 -1.84 3.85 9.95
CA ARG A 44 -0.94 3.68 8.81
C ARG A 44 -0.84 4.99 8.03
N ALA A 45 0.37 5.32 7.60
CA ALA A 45 0.60 6.55 6.84
C ALA A 45 0.18 6.31 5.39
N GLY A 46 0.77 7.06 4.46
CA GLY A 46 0.41 6.90 3.07
C GLY A 46 0.92 7.99 2.14
N VAL A 47 1.29 7.56 0.94
CA VAL A 47 1.78 8.43 -0.14
C VAL A 47 1.02 7.94 -1.38
N LEU A 48 -0.09 8.61 -1.66
CA LEU A 48 -0.97 8.25 -2.75
C LEU A 48 -0.59 8.67 -4.16
N GLU A 49 -0.61 7.71 -5.09
CA GLU A 49 -0.30 7.95 -6.48
C GLU A 49 -1.47 8.72 -7.09
N GLN A 50 -1.21 9.41 -8.19
CA GLN A 50 -2.23 10.17 -8.89
C GLN A 50 -3.41 9.24 -9.18
N GLY A 51 -3.08 8.04 -9.65
CA GLY A 51 -4.10 7.06 -9.97
C GLY A 51 -5.03 6.76 -8.80
N MET A 52 -4.46 6.60 -7.62
CA MET A 52 -5.30 6.31 -6.44
C MET A 52 -6.11 7.54 -6.04
N VAL A 53 -5.52 8.72 -6.16
CA VAL A 53 -6.24 9.94 -5.83
C VAL A 53 -7.46 10.06 -6.73
N ASP A 54 -7.28 9.81 -8.02
CA ASP A 54 -8.39 9.88 -8.97
C ASP A 54 -9.47 8.87 -8.62
N LEU A 55 -9.04 7.66 -8.26
CA LEU A 55 -9.97 6.60 -7.91
C LEU A 55 -10.82 7.02 -6.70
N LEU A 56 -10.18 7.57 -5.67
CA LEU A 56 -10.91 8.00 -4.49
C LEU A 56 -11.94 9.07 -4.86
N ARG A 57 -11.55 9.97 -5.75
CA ARG A 57 -12.45 11.04 -6.20
C ARG A 57 -13.63 10.40 -6.93
N GLU A 58 -13.33 9.50 -7.87
CA GLU A 58 -14.38 8.81 -8.61
C GLU A 58 -15.29 8.09 -7.63
N ALA A 59 -14.74 7.70 -6.48
CA ALA A 59 -15.52 7.02 -5.45
C ALA A 59 -16.39 8.01 -4.66
N GLY A 60 -16.14 9.30 -4.86
CA GLY A 60 -16.89 10.32 -4.17
C GLY A 60 -16.39 10.52 -2.75
N VAL A 61 -15.18 10.07 -2.49
CA VAL A 61 -14.60 10.19 -1.16
C VAL A 61 -13.28 10.94 -1.22
N ASP A 62 -13.33 12.20 -1.61
CA ASP A 62 -12.12 13.01 -1.72
C ASP A 62 -12.19 14.36 -1.02
N ARG A 63 -13.36 14.73 -0.52
CA ARG A 63 -13.51 16.03 0.12
C ARG A 63 -12.49 16.27 1.23
N ARG A 64 -12.39 15.35 2.17
CA ARG A 64 -11.46 15.51 3.27
C ARG A 64 -9.99 15.41 2.84
N MET A 65 -9.73 14.55 1.85
CA MET A 65 -8.38 14.39 1.34
C MET A 65 -7.91 15.67 0.66
N ALA A 66 -8.81 16.33 -0.06
CA ALA A 66 -8.47 17.56 -0.76
C ALA A 66 -8.18 18.67 0.24
N ARG A 67 -8.79 18.56 1.42
CA ARG A 67 -8.63 19.55 2.47
C ARG A 67 -7.43 19.29 3.38
N ASP A 68 -7.22 18.04 3.76
CA ASP A 68 -6.12 17.69 4.66
C ASP A 68 -4.91 17.03 4.01
N GLY A 69 -5.09 16.58 2.75
CA GLY A 69 -3.99 15.94 2.05
C GLY A 69 -2.87 16.88 1.71
N LEU A 70 -1.64 16.37 1.67
CA LEU A 70 -0.47 17.16 1.33
C LEU A 70 0.07 16.77 -0.05
N VAL A 71 -0.06 17.67 -1.01
CA VAL A 71 0.42 17.42 -2.37
C VAL A 71 1.92 17.67 -2.47
N HIS A 72 2.67 16.65 -2.84
CA HIS A 72 4.12 16.77 -2.98
C HIS A 72 4.55 16.73 -4.44
N GLU A 73 5.27 17.77 -4.87
CA GLU A 73 5.75 17.86 -6.24
C GLU A 73 7.13 17.25 -6.39
N GLY A 74 7.76 16.90 -5.27
CA GLY A 74 9.08 16.32 -5.32
C GLY A 74 9.36 15.42 -4.13
N VAL A 75 10.49 14.73 -4.19
CA VAL A 75 10.93 13.83 -3.13
C VAL A 75 12.45 13.90 -3.15
N GLU A 76 13.10 13.68 -2.02
CA GLU A 76 14.55 13.75 -1.97
C GLU A 76 15.25 12.48 -1.54
N ILE A 77 16.46 12.29 -2.04
CA ILE A 77 17.29 11.16 -1.67
C ILE A 77 18.61 11.76 -1.21
N ALA A 78 19.03 11.42 -0.01
CA ALA A 78 20.29 11.93 0.51
C ALA A 78 21.32 10.83 0.53
N PHE A 79 22.55 11.18 0.15
CA PHE A 79 23.64 10.23 0.14
C PHE A 79 24.94 11.00 -0.02
N ALA A 80 26.02 10.51 0.60
CA ALA A 80 27.32 11.18 0.52
C ALA A 80 27.23 12.64 0.98
N GLY A 81 26.48 12.88 2.05
CA GLY A 81 26.34 14.22 2.59
C GLY A 81 25.57 15.25 1.77
N GLN A 82 24.94 14.82 0.68
CA GLN A 82 24.20 15.77 -0.15
C GLN A 82 22.74 15.38 -0.36
N ARG A 83 21.90 16.40 -0.56
CA ARG A 83 20.47 16.19 -0.77
C ARG A 83 20.20 16.32 -2.27
N ARG A 84 19.65 15.27 -2.87
CA ARG A 84 19.35 15.30 -4.29
C ARG A 84 17.85 15.25 -4.49
N ARG A 85 17.29 16.32 -5.04
CA ARG A 85 15.84 16.37 -5.26
C ARG A 85 15.40 15.86 -6.61
N ILE A 86 14.33 15.09 -6.61
CA ILE A 86 13.75 14.56 -7.84
C ILE A 86 12.44 15.31 -8.03
N ASP A 87 12.39 16.14 -9.06
CA ASP A 87 11.22 16.94 -9.36
C ASP A 87 10.15 16.09 -10.06
N LEU A 88 9.36 15.37 -9.27
CA LEU A 88 8.32 14.50 -9.80
C LEU A 88 7.40 15.21 -10.78
N LYS A 89 6.88 16.37 -10.37
CA LYS A 89 5.96 17.12 -11.20
C LYS A 89 6.56 17.42 -12.57
N ARG A 90 7.72 18.05 -12.58
CA ARG A 90 8.39 18.40 -13.82
C ARG A 90 8.78 17.17 -14.63
N LEU A 91 9.35 16.17 -13.96
CA LEU A 91 9.79 14.95 -14.66
C LEU A 91 8.68 14.06 -15.21
N SER A 92 7.45 14.29 -14.77
CA SER A 92 6.33 13.47 -15.24
C SER A 92 5.34 14.28 -16.08
N GLY A 93 5.54 15.59 -16.14
CA GLY A 93 4.64 16.43 -16.91
C GLY A 93 3.49 17.03 -16.13
N GLY A 94 3.50 16.83 -14.80
CA GLY A 94 2.43 17.38 -14.00
C GLY A 94 1.87 16.48 -12.93
N LYS A 95 2.32 15.23 -12.88
CA LYS A 95 1.82 14.31 -11.87
C LYS A 95 2.49 14.54 -10.52
N THR A 96 1.73 14.29 -9.45
CA THR A 96 2.22 14.45 -8.09
C THR A 96 1.75 13.26 -7.28
N VAL A 97 2.08 13.28 -5.99
CA VAL A 97 1.66 12.24 -5.06
C VAL A 97 1.04 13.02 -3.91
N THR A 98 0.11 12.39 -3.21
CA THR A 98 -0.54 13.07 -2.10
C THR A 98 -0.32 12.34 -0.79
N VAL A 99 0.23 13.05 0.18
CA VAL A 99 0.50 12.47 1.48
C VAL A 99 -0.79 12.57 2.32
N TYR A 100 -1.44 11.44 2.48
CA TYR A 100 -2.68 11.36 3.24
C TYR A 100 -2.71 9.91 3.74
N GLY A 101 -2.70 9.76 5.06
CA GLY A 101 -2.68 8.45 5.66
C GLY A 101 -3.78 7.46 5.35
N GLN A 102 -3.40 6.19 5.29
CA GLN A 102 -4.34 5.11 5.03
C GLN A 102 -5.45 5.13 6.08
N THR A 103 -5.08 5.48 7.31
CA THR A 103 -6.06 5.54 8.39
C THR A 103 -7.15 6.54 8.02
N GLU A 104 -6.74 7.72 7.56
CA GLU A 104 -7.68 8.75 7.17
C GLU A 104 -8.52 8.30 5.97
N VAL A 105 -7.86 7.68 4.99
CA VAL A 105 -8.57 7.19 3.80
C VAL A 105 -9.60 6.14 4.20
N THR A 106 -9.23 5.27 5.12
CA THR A 106 -10.14 4.22 5.57
C THR A 106 -11.33 4.82 6.30
N ARG A 107 -11.04 5.84 7.11
CA ARG A 107 -12.08 6.51 7.87
C ARG A 107 -13.05 7.15 6.89
N ASP A 108 -12.52 7.86 5.91
CA ASP A 108 -13.36 8.53 4.91
C ASP A 108 -14.27 7.57 4.19
N LEU A 109 -13.73 6.41 3.86
CA LEU A 109 -14.50 5.38 3.15
C LEU A 109 -15.59 4.81 4.03
N MET A 110 -15.27 4.55 5.30
CA MET A 110 -16.25 4.00 6.23
C MET A 110 -17.40 4.99 6.48
N GLU A 111 -17.09 6.27 6.54
CA GLU A 111 -18.13 7.28 6.75
C GLU A 111 -19.03 7.34 5.53
N ALA A 112 -18.43 7.29 4.35
CA ALA A 112 -19.22 7.34 3.10
C ALA A 112 -20.10 6.09 2.95
N ARG A 113 -19.57 4.93 3.32
CA ARG A 113 -20.36 3.71 3.19
C ARG A 113 -21.45 3.70 4.24
N GLU A 114 -21.12 4.14 5.46
CA GLU A 114 -22.07 4.19 6.54
C GLU A 114 -23.21 5.15 6.21
N ALA A 115 -22.86 6.29 5.61
CA ALA A 115 -23.85 7.29 5.25
C ALA A 115 -24.81 6.81 4.16
N CYS A 116 -24.30 6.15 3.13
CA CYS A 116 -25.18 5.69 2.04
C CYS A 116 -25.94 4.42 2.41
N GLY A 117 -25.65 3.86 3.57
CA GLY A 117 -26.35 2.66 3.98
C GLY A 117 -26.01 1.36 3.25
N ALA A 118 -24.88 1.34 2.55
CA ALA A 118 -24.46 0.13 1.84
C ALA A 118 -24.27 -0.94 2.92
N THR A 119 -24.37 -2.21 2.52
CA THR A 119 -24.22 -3.30 3.49
C THR A 119 -22.81 -3.68 3.89
N THR A 120 -22.58 -3.72 5.19
CA THR A 120 -21.30 -4.09 5.76
C THR A 120 -21.60 -4.85 7.04
N VAL A 121 -21.03 -6.04 7.16
CA VAL A 121 -21.23 -6.84 8.36
C VAL A 121 -19.90 -6.99 9.09
N TYR A 122 -19.75 -6.25 10.17
CA TYR A 122 -18.54 -6.32 10.98
C TYR A 122 -18.67 -7.52 11.90
N GLN A 123 -17.54 -7.97 12.45
CA GLN A 123 -17.54 -9.13 13.34
C GLN A 123 -18.16 -10.36 12.68
N ALA A 124 -17.91 -10.52 11.37
CA ALA A 124 -18.41 -11.68 10.64
C ALA A 124 -17.33 -12.75 10.83
N ALA A 125 -17.59 -13.69 11.74
CA ALA A 125 -16.63 -14.74 12.04
C ALA A 125 -16.74 -15.95 11.12
N GLU A 126 -15.70 -16.79 11.16
CA GLU A 126 -15.61 -18.01 10.37
C GLU A 126 -16.03 -17.91 8.92
N VAL A 127 -15.59 -16.85 8.25
CA VAL A 127 -15.92 -16.68 6.84
C VAL A 127 -15.39 -17.87 6.04
N ARG A 128 -16.24 -18.42 5.18
CA ARG A 128 -15.87 -19.55 4.33
C ARG A 128 -16.45 -19.35 2.93
N LEU A 129 -15.66 -19.67 1.92
CA LEU A 129 -16.08 -19.52 0.53
C LEU A 129 -16.52 -20.85 -0.07
N HIS A 130 -17.51 -20.83 -0.94
CA HIS A 130 -18.06 -22.06 -1.52
C HIS A 130 -18.40 -21.99 -3.01
N ASP A 131 -18.35 -23.15 -3.67
CA ASP A 131 -18.68 -23.27 -5.08
C ASP A 131 -18.06 -22.18 -5.96
N LEU A 132 -16.76 -21.93 -5.77
CA LEU A 132 -16.09 -20.90 -6.54
C LEU A 132 -16.05 -21.15 -8.05
N GLN A 133 -16.04 -22.40 -8.46
CA GLN A 133 -15.98 -22.69 -9.89
C GLN A 133 -17.34 -22.90 -10.53
N GLY A 134 -18.39 -22.46 -9.83
CA GLY A 134 -19.73 -22.57 -10.37
C GLY A 134 -20.19 -21.17 -10.73
N GLU A 135 -21.45 -21.04 -11.15
CA GLU A 135 -21.97 -19.73 -11.50
C GLU A 135 -22.79 -19.17 -10.36
N ARG A 136 -22.85 -19.91 -9.26
CA ARG A 136 -23.60 -19.50 -8.08
C ARG A 136 -22.80 -19.66 -6.80
N PRO A 137 -21.66 -18.94 -6.68
CA PRO A 137 -20.85 -19.06 -5.47
C PRO A 137 -21.53 -18.40 -4.27
N TYR A 138 -21.14 -18.80 -3.07
CA TYR A 138 -21.72 -18.22 -1.87
C TYR A 138 -20.74 -18.24 -0.71
N VAL A 139 -21.00 -17.36 0.26
CA VAL A 139 -20.15 -17.24 1.44
C VAL A 139 -20.93 -17.52 2.71
N THR A 140 -20.31 -18.23 3.65
CA THR A 140 -20.96 -18.51 4.92
C THR A 140 -20.12 -17.85 5.99
N PHE A 141 -20.79 -17.42 7.05
CA PHE A 141 -20.12 -16.76 8.17
C PHE A 141 -21.05 -16.80 9.37
N GLU A 142 -20.50 -16.56 10.55
CA GLU A 142 -21.27 -16.58 11.77
C GLU A 142 -21.24 -15.21 12.44
N ARG A 143 -22.43 -14.64 12.65
CA ARG A 143 -22.53 -13.33 13.29
C ARG A 143 -23.62 -13.32 14.35
N ASP A 144 -23.26 -12.79 15.52
CA ASP A 144 -24.19 -12.66 16.63
C ASP A 144 -24.93 -13.96 16.93
N GLY A 145 -24.16 -15.05 17.00
CA GLY A 145 -24.74 -16.35 17.31
C GLY A 145 -25.40 -17.15 16.21
N GLU A 146 -25.47 -16.63 15.00
CA GLU A 146 -26.11 -17.40 13.94
C GLU A 146 -25.30 -17.60 12.66
N ARG A 147 -25.60 -18.69 11.96
CA ARG A 147 -24.95 -19.06 10.72
C ARG A 147 -25.68 -18.40 9.57
N LEU A 148 -24.98 -17.55 8.82
CA LEU A 148 -25.60 -16.87 7.69
C LEU A 148 -24.92 -17.25 6.37
N ARG A 149 -25.68 -17.15 5.29
CA ARG A 149 -25.17 -17.45 3.97
C ARG A 149 -25.36 -16.26 3.06
N LEU A 150 -24.37 -16.00 2.21
CA LEU A 150 -24.41 -14.88 1.28
C LEU A 150 -24.20 -15.35 -0.17
N ASP A 151 -25.28 -15.38 -0.95
CA ASP A 151 -25.19 -15.79 -2.35
C ASP A 151 -24.78 -14.58 -3.19
N CYS A 152 -23.94 -14.82 -4.18
CA CYS A 152 -23.44 -13.76 -5.04
C CYS A 152 -23.03 -14.29 -6.41
N ASP A 153 -22.57 -13.37 -7.28
CA ASP A 153 -22.12 -13.73 -8.62
C ASP A 153 -20.60 -13.83 -8.63
N TYR A 154 -19.96 -12.98 -7.82
CA TYR A 154 -18.51 -12.96 -7.74
C TYR A 154 -18.09 -12.67 -6.31
N ILE A 155 -16.86 -13.06 -5.97
CA ILE A 155 -16.34 -12.82 -4.63
C ILE A 155 -15.00 -12.13 -4.75
N ALA A 156 -14.84 -10.99 -4.07
CA ALA A 156 -13.57 -10.28 -4.09
C ALA A 156 -12.90 -10.47 -2.76
N GLY A 157 -11.76 -11.15 -2.77
CA GLY A 157 -11.01 -11.38 -1.55
C GLY A 157 -10.11 -10.20 -1.26
N CYS A 158 -10.57 -9.32 -0.38
CA CYS A 158 -9.80 -8.13 0.00
C CYS A 158 -9.50 -8.24 1.48
N ASP A 159 -9.28 -9.48 1.93
CA ASP A 159 -9.04 -9.75 3.34
C ASP A 159 -7.61 -9.75 3.85
N GLY A 160 -6.72 -9.05 3.17
CA GLY A 160 -5.34 -8.97 3.65
C GLY A 160 -4.49 -10.22 3.53
N PHE A 161 -3.22 -10.08 3.90
CA PHE A 161 -2.28 -11.18 3.80
C PHE A 161 -2.68 -12.42 4.58
N HIS A 162 -3.33 -12.24 5.72
CA HIS A 162 -3.74 -13.40 6.52
C HIS A 162 -5.23 -13.68 6.42
N GLY A 163 -5.83 -13.29 5.30
CA GLY A 163 -7.24 -13.51 5.10
C GLY A 163 -7.51 -14.97 4.75
N ILE A 164 -8.77 -15.29 4.52
CA ILE A 164 -9.15 -16.65 4.19
C ILE A 164 -9.26 -16.87 2.68
N SER A 165 -9.44 -15.81 1.93
CA SER A 165 -9.61 -15.95 0.48
C SER A 165 -8.44 -16.62 -0.25
N ARG A 166 -7.21 -16.19 -0.01
CA ARG A 166 -6.09 -16.81 -0.70
C ARG A 166 -6.01 -18.29 -0.32
N GLN A 167 -6.32 -18.59 0.94
CA GLN A 167 -6.27 -19.96 1.44
C GLN A 167 -7.40 -20.82 0.88
N SER A 168 -8.38 -20.19 0.26
CA SER A 168 -9.51 -20.91 -0.33
C SER A 168 -9.24 -21.34 -1.76
N ILE A 169 -8.04 -21.08 -2.23
CA ILE A 169 -7.65 -21.48 -3.58
C ILE A 169 -6.73 -22.70 -3.48
N PRO A 170 -7.02 -23.75 -4.27
CA PRO A 170 -6.17 -24.95 -4.23
C PRO A 170 -4.71 -24.56 -4.47
N ALA A 171 -3.84 -24.96 -3.56
CA ALA A 171 -2.42 -24.63 -3.66
C ALA A 171 -1.79 -25.09 -4.97
N GLU A 172 -2.37 -26.13 -5.57
CA GLU A 172 -1.87 -26.66 -6.83
C GLU A 172 -2.07 -25.70 -8.01
N ARG A 173 -2.94 -24.71 -7.83
CA ARG A 173 -3.20 -23.73 -8.89
C ARG A 173 -2.36 -22.47 -8.72
N LEU A 174 -1.80 -22.29 -7.53
CA LEU A 174 -1.01 -21.10 -7.24
C LEU A 174 0.50 -21.28 -7.27
N LYS A 175 1.20 -20.21 -7.60
CA LYS A 175 2.65 -20.19 -7.64
C LYS A 175 3.04 -19.01 -6.76
N VAL A 176 3.83 -19.26 -5.73
CA VAL A 176 4.25 -18.21 -4.80
C VAL A 176 5.66 -17.68 -5.06
N PHE A 177 5.82 -16.36 -4.99
CA PHE A 177 7.11 -15.74 -5.21
C PHE A 177 7.34 -14.87 -3.98
N GLU A 178 8.47 -15.05 -3.30
CA GLU A 178 8.71 -14.25 -2.11
C GLU A 178 10.17 -13.98 -1.80
N ARG A 179 10.39 -12.97 -0.96
CA ARG A 179 11.72 -12.58 -0.54
C ARG A 179 11.60 -11.84 0.78
N VAL A 180 12.53 -12.11 1.69
CA VAL A 180 12.52 -11.44 2.98
C VAL A 180 13.83 -10.70 3.03
N TYR A 181 13.80 -9.46 3.51
CA TYR A 181 15.01 -8.64 3.59
C TYR A 181 15.68 -8.82 4.94
N PRO A 182 17.01 -8.76 4.97
CA PRO A 182 17.81 -8.91 6.18
C PRO A 182 17.77 -7.71 7.14
N PHE A 183 16.64 -7.02 7.21
CA PHE A 183 16.52 -5.88 8.09
C PHE A 183 15.09 -5.39 8.22
N GLY A 184 14.85 -4.57 9.25
CA GLY A 184 13.52 -4.03 9.45
C GLY A 184 13.58 -2.52 9.54
N TRP A 185 12.42 -1.89 9.74
CA TRP A 185 12.33 -0.45 9.86
C TRP A 185 11.86 -0.05 11.25
N LEU A 186 12.72 0.64 12.01
CA LEU A 186 12.31 1.12 13.31
C LEU A 186 11.65 2.47 13.04
N GLY A 187 10.37 2.57 13.37
CA GLY A 187 9.65 3.81 13.14
C GLY A 187 9.27 4.57 14.40
N LEU A 188 9.12 5.88 14.27
CA LEU A 188 8.75 6.73 15.39
C LEU A 188 7.87 7.86 14.88
N LEU A 189 6.64 7.92 15.39
CA LEU A 189 5.65 8.94 15.03
C LEU A 189 5.70 10.06 16.08
N ALA A 190 5.78 11.31 15.63
CA ALA A 190 5.84 12.44 16.56
C ALA A 190 4.89 13.57 16.17
N ASP A 191 4.68 14.51 17.09
CA ASP A 191 3.80 15.64 16.82
C ASP A 191 4.60 16.88 16.46
N THR A 192 5.89 16.70 16.25
CA THR A 192 6.77 17.81 15.91
C THR A 192 6.71 18.10 14.41
N PRO A 193 7.00 19.34 14.01
CA PRO A 193 6.96 19.66 12.57
C PRO A 193 8.01 18.87 11.81
N PRO A 194 7.72 18.50 10.54
CA PRO A 194 8.67 17.73 9.74
C PRO A 194 9.93 18.53 9.47
N VAL A 195 11.04 17.84 9.28
CA VAL A 195 12.30 18.51 9.01
C VAL A 195 12.33 19.02 7.58
N SER A 196 11.43 18.48 6.77
CA SER A 196 11.31 18.91 5.38
C SER A 196 9.87 18.79 4.91
N HIS A 197 9.51 19.58 3.92
CA HIS A 197 8.17 19.56 3.38
C HIS A 197 7.98 18.45 2.35
N GLU A 198 9.07 17.78 1.99
CA GLU A 198 9.03 16.65 1.06
C GLU A 198 9.80 15.53 1.74
N LEU A 199 9.46 14.28 1.45
CA LEU A 199 10.15 13.15 2.06
C LEU A 199 11.64 13.12 1.75
N ILE A 200 12.41 12.56 2.66
CA ILE A 200 13.86 12.43 2.44
C ILE A 200 14.31 11.01 2.69
N TYR A 201 14.63 10.30 1.61
CA TYR A 201 15.13 8.93 1.67
C TYR A 201 16.63 9.07 1.77
N ALA A 202 17.23 8.52 2.82
CA ALA A 202 18.67 8.69 2.99
C ALA A 202 19.51 7.41 3.04
N ASN A 203 20.58 7.41 2.25
CA ASN A 203 21.51 6.31 2.25
C ASN A 203 22.72 6.79 3.06
N HIS A 204 23.15 5.99 4.02
CA HIS A 204 24.28 6.34 4.87
C HIS A 204 24.99 5.06 5.27
N PRO A 205 26.32 5.09 5.44
CA PRO A 205 27.08 3.91 5.82
C PRO A 205 26.52 3.17 7.04
N ARG A 206 25.99 3.91 8.00
CA ARG A 206 25.43 3.30 9.21
C ARG A 206 24.08 2.65 8.91
N GLY A 207 23.48 3.01 7.78
CA GLY A 207 22.20 2.43 7.43
C GLY A 207 21.19 3.44 6.91
N PHE A 208 20.08 2.92 6.44
CA PHE A 208 19.00 3.72 5.88
C PHE A 208 18.23 4.52 6.91
N ALA A 209 17.67 5.65 6.46
CA ALA A 209 16.86 6.51 7.31
C ALA A 209 15.88 7.24 6.40
N LEU A 210 14.69 7.51 6.92
CA LEU A 210 13.67 8.20 6.16
C LEU A 210 12.97 9.29 6.97
N CYS A 211 12.89 10.48 6.40
CA CYS A 211 12.20 11.60 7.04
C CYS A 211 10.89 11.76 6.27
N SER A 212 9.77 11.55 6.95
CA SER A 212 8.48 11.66 6.30
C SER A 212 7.47 12.31 7.24
N GLN A 213 6.20 12.29 6.84
CA GLN A 213 5.14 12.85 7.67
C GLN A 213 3.83 12.17 7.36
N ARG A 214 3.06 11.90 8.41
CA ARG A 214 1.78 11.24 8.28
C ARG A 214 0.69 12.25 7.95
N SER A 215 0.89 13.48 8.43
CA SER A 215 -0.06 14.57 8.21
C SER A 215 0.64 15.89 8.39
N ALA A 216 -0.12 16.98 8.31
CA ALA A 216 0.44 18.31 8.46
C ALA A 216 0.91 18.57 9.88
N THR A 217 0.45 17.75 10.83
CA THR A 217 0.84 17.93 12.23
C THR A 217 1.53 16.72 12.85
N ARG A 218 1.77 15.68 12.06
CA ARG A 218 2.41 14.48 12.56
C ARG A 218 3.61 14.12 11.71
N SER A 219 4.76 13.96 12.36
CA SER A 219 5.98 13.59 11.64
C SER A 219 6.22 12.10 11.84
N GLN A 220 6.82 11.47 10.84
CA GLN A 220 7.12 10.04 10.89
C GLN A 220 8.55 9.80 10.41
N TYR A 221 9.35 9.16 11.27
CA TYR A 221 10.74 8.88 10.93
C TYR A 221 11.03 7.39 11.03
N TYR A 222 12.04 6.93 10.30
CA TYR A 222 12.43 5.53 10.30
C TYR A 222 13.94 5.38 10.17
N VAL A 223 14.48 4.33 10.78
CA VAL A 223 15.89 4.01 10.65
C VAL A 223 15.94 2.49 10.51
N GLN A 224 16.81 2.05 9.63
CA GLN A 224 17.01 0.64 9.38
C GLN A 224 17.60 0.01 10.64
N VAL A 225 17.15 -1.19 10.99
CA VAL A 225 17.68 -1.90 12.16
C VAL A 225 17.74 -3.40 11.87
N PRO A 226 18.66 -4.13 12.52
CA PRO A 226 18.69 -5.57 12.23
C PRO A 226 17.40 -6.25 12.67
N LEU A 227 17.10 -7.40 12.07
CA LEU A 227 15.88 -8.14 12.36
C LEU A 227 15.70 -8.55 13.82
N SER A 228 16.78 -8.74 14.54
CA SER A 228 16.67 -9.17 15.94
C SER A 228 16.59 -8.02 16.97
N GLU A 229 16.52 -6.78 16.50
CA GLU A 229 16.44 -5.64 17.41
C GLU A 229 15.15 -5.62 18.21
N LYS A 230 15.22 -5.10 19.43
CA LYS A 230 14.06 -4.98 20.30
C LYS A 230 13.69 -3.51 20.41
N VAL A 231 12.44 -3.18 20.10
CA VAL A 231 11.98 -1.81 20.17
C VAL A 231 12.25 -1.24 21.56
N GLU A 232 12.19 -2.11 22.57
CA GLU A 232 12.42 -1.69 23.95
C GLU A 232 13.84 -1.21 24.19
N ASP A 233 14.80 -1.70 23.41
CA ASP A 233 16.18 -1.28 23.58
C ASP A 233 16.42 0.08 22.92
N TRP A 234 15.37 0.64 22.31
CA TRP A 234 15.51 1.93 21.64
C TRP A 234 14.71 3.06 22.25
N SER A 235 15.35 3.81 23.15
CA SER A 235 14.70 4.95 23.77
C SER A 235 14.56 6.01 22.69
N ASP A 236 13.72 7.01 22.93
CA ASP A 236 13.52 8.07 21.96
C ASP A 236 14.81 8.82 21.66
N GLU A 237 15.61 9.07 22.69
CA GLU A 237 16.85 9.80 22.48
C GLU A 237 17.82 8.98 21.64
N ARG A 238 17.86 7.66 21.85
CA ARG A 238 18.76 6.83 21.07
C ARG A 238 18.33 6.89 19.60
N PHE A 239 17.02 6.84 19.35
CA PHE A 239 16.49 6.91 18.00
C PHE A 239 16.87 8.24 17.32
N TRP A 240 16.59 9.34 18.01
CA TRP A 240 16.89 10.66 17.47
C TRP A 240 18.37 10.77 17.14
N THR A 241 19.21 10.29 18.05
CA THR A 241 20.66 10.35 17.84
C THR A 241 21.09 9.53 16.62
N GLU A 242 20.55 8.33 16.47
CA GLU A 242 20.93 7.50 15.33
C GLU A 242 20.42 8.13 14.04
N LEU A 243 19.18 8.61 14.07
CA LEU A 243 18.58 9.25 12.90
C LEU A 243 19.46 10.40 12.39
N LYS A 244 19.80 11.33 13.27
CA LYS A 244 20.61 12.48 12.88
C LYS A 244 21.96 12.06 12.31
N ALA A 245 22.50 10.97 12.85
CA ALA A 245 23.77 10.44 12.41
C ALA A 245 23.72 9.91 10.96
N ARG A 246 22.52 9.59 10.49
CA ARG A 246 22.40 9.06 9.13
C ARG A 246 21.97 10.12 8.12
N LEU A 247 21.83 11.36 8.58
CA LEU A 247 21.41 12.45 7.70
C LEU A 247 22.49 13.49 7.50
N PRO A 248 22.40 14.25 6.39
CA PRO A 248 23.41 15.29 6.16
C PRO A 248 23.26 16.28 7.32
N SER A 249 24.37 16.88 7.75
CA SER A 249 24.34 17.82 8.87
C SER A 249 23.29 18.94 8.72
N GLU A 250 23.17 19.50 7.52
CA GLU A 250 22.20 20.58 7.31
C GLU A 250 20.76 20.15 7.65
N VAL A 251 20.45 18.87 7.42
CA VAL A 251 19.11 18.36 7.73
C VAL A 251 19.01 18.04 9.23
N ALA A 252 19.97 17.25 9.73
CA ALA A 252 19.98 16.86 11.13
C ALA A 252 20.02 18.08 12.04
N GLU A 253 20.59 19.16 11.52
CA GLU A 253 20.72 20.40 12.27
C GLU A 253 19.39 21.10 12.55
N LYS A 254 18.51 21.15 11.56
CA LYS A 254 17.23 21.81 11.74
C LYS A 254 16.06 20.89 12.09
N LEU A 255 16.39 19.65 12.42
CA LEU A 255 15.37 18.68 12.78
C LEU A 255 14.86 18.95 14.20
N VAL A 256 13.55 18.91 14.38
CA VAL A 256 12.95 19.13 15.69
C VAL A 256 12.56 17.80 16.31
N THR A 257 13.14 17.50 17.47
CA THR A 257 12.87 16.24 18.14
C THR A 257 11.84 16.39 19.26
N GLY A 258 11.23 15.28 19.63
CA GLY A 258 10.23 15.29 20.68
C GLY A 258 9.82 13.90 21.10
N PRO A 259 9.06 13.77 22.20
CA PRO A 259 8.61 12.45 22.67
C PRO A 259 7.86 11.73 21.56
N SER A 260 7.99 10.41 21.51
CA SER A 260 7.34 9.62 20.48
C SER A 260 5.93 9.20 20.88
N LEU A 261 4.99 9.38 19.96
CA LEU A 261 3.60 9.00 20.20
C LEU A 261 3.48 7.49 19.98
N GLU A 262 4.38 6.94 19.15
CA GLU A 262 4.38 5.51 18.86
C GLU A 262 5.73 5.06 18.31
N LYS A 263 6.09 3.81 18.58
CA LYS A 263 7.34 3.23 18.10
C LYS A 263 7.19 1.74 17.87
N SER A 264 7.80 1.25 16.80
CA SER A 264 7.74 -0.17 16.47
C SER A 264 8.73 -0.51 15.36
N ILE A 265 8.99 -1.80 15.20
CA ILE A 265 9.90 -2.27 14.16
C ILE A 265 9.10 -3.10 13.17
N ALA A 266 9.21 -2.74 11.89
CA ALA A 266 8.49 -3.45 10.84
C ALA A 266 9.45 -4.17 9.90
N PRO A 267 9.14 -5.43 9.57
CA PRO A 267 10.00 -6.19 8.66
C PRO A 267 9.74 -5.74 7.23
N LEU A 268 10.65 -6.07 6.33
CA LEU A 268 10.48 -5.74 4.92
C LEU A 268 10.42 -7.05 4.15
N ARG A 269 9.33 -7.28 3.43
CA ARG A 269 9.21 -8.51 2.65
C ARG A 269 8.48 -8.29 1.34
N SER A 270 8.63 -9.24 0.43
CA SER A 270 7.97 -9.18 -0.87
C SER A 270 7.23 -10.50 -1.00
N PHE A 271 6.05 -10.44 -1.60
CA PHE A 271 5.25 -11.64 -1.78
C PHE A 271 4.32 -11.43 -2.94
N VAL A 272 4.26 -12.40 -3.83
CA VAL A 272 3.40 -12.32 -5.00
C VAL A 272 2.89 -13.72 -5.31
N VAL A 273 1.60 -13.81 -5.61
CA VAL A 273 1.03 -15.10 -5.98
C VAL A 273 0.47 -15.00 -7.39
N GLU A 274 0.61 -16.08 -8.15
CA GLU A 274 0.11 -16.16 -9.52
C GLU A 274 -0.60 -17.50 -9.72
N PRO A 275 -1.84 -17.48 -10.21
CA PRO A 275 -2.57 -16.26 -10.54
C PRO A 275 -3.15 -15.64 -9.27
N MET A 276 -4.01 -14.64 -9.44
CA MET A 276 -4.65 -13.93 -8.33
C MET A 276 -6.16 -14.15 -8.38
N GLN A 277 -6.59 -15.28 -8.92
CA GLN A 277 -8.02 -15.55 -9.02
C GLN A 277 -8.23 -17.04 -9.19
N HIS A 278 -9.47 -17.46 -8.98
CA HIS A 278 -9.84 -18.86 -9.10
C HIS A 278 -11.35 -18.88 -9.24
N GLY A 279 -11.83 -19.26 -10.42
CA GLY A 279 -13.27 -19.28 -10.64
C GLY A 279 -13.88 -17.91 -10.49
N ARG A 280 -14.86 -17.79 -9.61
CA ARG A 280 -15.54 -16.51 -9.36
C ARG A 280 -14.89 -15.70 -8.26
N LEU A 281 -13.75 -16.16 -7.77
CA LEU A 281 -13.04 -15.47 -6.70
C LEU A 281 -11.85 -14.68 -7.24
N PHE A 282 -11.74 -13.41 -6.84
CA PHE A 282 -10.64 -12.56 -7.28
C PHE A 282 -9.95 -11.91 -6.07
N LEU A 283 -8.62 -12.06 -5.99
CA LEU A 283 -7.89 -11.48 -4.87
C LEU A 283 -7.39 -10.07 -5.22
N ALA A 284 -7.42 -9.19 -4.24
CA ALA A 284 -6.95 -7.81 -4.44
C ALA A 284 -6.24 -7.35 -3.19
N GLY A 285 -5.24 -6.48 -3.36
CA GLY A 285 -4.48 -5.97 -2.23
C GLY A 285 -3.54 -6.96 -1.58
N ASP A 286 -3.33 -6.79 -0.27
CA ASP A 286 -2.44 -7.64 0.52
C ASP A 286 -2.78 -9.13 0.50
N ALA A 287 -4.01 -9.47 0.12
CA ALA A 287 -4.40 -10.87 0.08
C ALA A 287 -3.63 -11.54 -1.04
N ALA A 288 -3.20 -10.74 -2.02
CA ALA A 288 -2.50 -11.29 -3.17
C ALA A 288 -1.00 -10.96 -3.24
N HIS A 289 -0.59 -9.88 -2.60
CA HIS A 289 0.81 -9.50 -2.66
C HIS A 289 1.21 -8.56 -1.55
N ILE A 290 2.51 -8.54 -1.30
CA ILE A 290 3.11 -7.67 -0.30
C ILE A 290 4.35 -7.08 -0.97
N VAL A 291 4.62 -5.80 -0.73
CA VAL A 291 5.79 -5.15 -1.27
C VAL A 291 6.49 -4.51 -0.09
N PRO A 292 7.80 -4.27 -0.22
CA PRO A 292 8.48 -3.63 0.92
C PRO A 292 7.97 -2.20 1.00
N PRO A 293 8.04 -1.58 2.19
CA PRO A 293 7.58 -0.21 2.42
C PRO A 293 8.32 0.86 1.64
N THR A 294 9.56 0.57 1.28
CA THR A 294 10.40 1.54 0.58
C THR A 294 9.73 2.37 -0.51
N GLY A 295 8.91 1.74 -1.34
CA GLY A 295 8.25 2.53 -2.38
C GLY A 295 6.90 3.10 -1.97
N ALA A 296 6.42 2.73 -0.79
CA ALA A 296 5.12 3.18 -0.33
C ALA A 296 4.07 2.75 -1.37
N LYS A 297 4.31 1.60 -1.98
CA LYS A 297 3.41 1.08 -3.01
C LYS A 297 2.34 0.10 -2.55
N GLY A 298 2.39 -0.31 -1.29
CA GLY A 298 1.40 -1.26 -0.79
C GLY A 298 -0.03 -0.79 -0.95
N LEU A 299 -0.31 0.39 -0.41
CA LEU A 299 -1.66 0.95 -0.47
C LEU A 299 -2.05 1.26 -1.93
N ASN A 300 -1.05 1.63 -2.73
CA ASN A 300 -1.28 1.97 -4.14
C ASN A 300 -1.58 0.76 -5.02
N LEU A 301 -1.00 -0.39 -4.68
CA LEU A 301 -1.26 -1.60 -5.44
C LEU A 301 -2.66 -2.09 -5.09
N ALA A 302 -3.06 -1.87 -3.85
CA ALA A 302 -4.40 -2.25 -3.41
C ALA A 302 -5.40 -1.45 -4.28
N ALA A 303 -5.11 -0.17 -4.44
CA ALA A 303 -5.96 0.70 -5.23
C ALA A 303 -6.05 0.26 -6.69
N SER A 304 -4.90 -0.01 -7.32
CA SER A 304 -4.91 -0.42 -8.72
C SER A 304 -5.55 -1.80 -8.97
N ASP A 305 -5.40 -2.73 -8.03
CA ASP A 305 -6.03 -4.05 -8.19
C ASP A 305 -7.54 -3.81 -8.23
N VAL A 306 -8.01 -2.98 -7.31
CA VAL A 306 -9.43 -2.66 -7.16
C VAL A 306 -9.97 -1.92 -8.38
N SER A 307 -9.16 -1.05 -8.95
CA SER A 307 -9.56 -0.32 -10.15
C SER A 307 -9.78 -1.31 -11.30
N THR A 308 -8.83 -2.21 -11.49
CA THR A 308 -8.92 -3.20 -12.57
C THR A 308 -10.14 -4.09 -12.39
N LEU A 309 -10.32 -4.62 -11.18
CA LEU A 309 -11.44 -5.50 -10.87
C LEU A 309 -12.77 -4.77 -11.10
N TYR A 310 -12.85 -3.55 -10.58
CA TYR A 310 -14.04 -2.73 -10.73
C TYR A 310 -14.35 -2.52 -12.21
N ARG A 311 -13.35 -2.09 -12.98
CA ARG A 311 -13.56 -1.87 -14.40
C ARG A 311 -13.95 -3.14 -15.16
N LEU A 312 -13.39 -4.28 -14.75
CA LEU A 312 -13.73 -5.54 -15.41
C LEU A 312 -15.15 -5.94 -15.01
N LEU A 313 -15.53 -5.66 -13.77
CA LEU A 313 -16.88 -6.00 -13.33
C LEU A 313 -17.93 -5.20 -14.11
N LEU A 314 -17.66 -3.93 -14.35
CA LEU A 314 -18.57 -3.09 -15.14
C LEU A 314 -18.78 -3.72 -16.50
N LYS A 315 -17.68 -4.13 -17.14
CA LYS A 315 -17.72 -4.76 -18.45
C LYS A 315 -18.65 -5.97 -18.42
N ALA A 316 -18.53 -6.76 -17.36
CA ALA A 316 -19.35 -7.96 -17.20
C ALA A 316 -20.82 -7.61 -17.02
N TYR A 317 -21.12 -6.72 -16.09
CA TYR A 317 -22.51 -6.35 -15.80
C TYR A 317 -23.18 -5.41 -16.81
N ARG A 318 -22.41 -4.62 -17.53
CA ARG A 318 -23.02 -3.69 -18.48
C ARG A 318 -22.81 -3.98 -19.97
N GLU A 319 -21.93 -4.92 -20.29
CA GLU A 319 -21.70 -5.25 -21.69
C GLU A 319 -21.73 -6.75 -21.92
N GLY A 320 -22.04 -7.51 -20.87
CA GLY A 320 -22.09 -8.95 -21.00
C GLY A 320 -20.75 -9.48 -21.46
N ARG A 321 -19.68 -8.85 -20.98
CA ARG A 321 -18.32 -9.24 -21.35
C ARG A 321 -17.60 -9.88 -20.17
N GLY A 322 -18.34 -10.68 -19.40
CA GLY A 322 -17.77 -11.35 -18.25
C GLY A 322 -16.52 -12.18 -18.52
N GLU A 323 -16.29 -12.51 -19.79
CA GLU A 323 -15.13 -13.31 -20.15
C GLU A 323 -13.84 -12.53 -19.91
N LEU A 324 -13.94 -11.20 -19.95
CA LEU A 324 -12.78 -10.36 -19.75
C LEU A 324 -12.21 -10.50 -18.33
N LEU A 325 -13.05 -10.93 -17.40
CA LEU A 325 -12.63 -11.12 -16.01
C LEU A 325 -11.49 -12.14 -15.92
N GLU A 326 -11.37 -12.96 -16.96
CA GLU A 326 -10.31 -13.96 -17.01
C GLU A 326 -8.94 -13.29 -17.11
N ARG A 327 -8.91 -12.05 -17.60
CA ARG A 327 -7.66 -11.30 -17.75
C ARG A 327 -7.28 -10.48 -16.52
N TYR A 328 -8.08 -10.59 -15.46
CA TYR A 328 -7.82 -9.83 -14.23
C TYR A 328 -6.40 -10.01 -13.68
N SER A 329 -5.99 -11.25 -13.47
CA SER A 329 -4.66 -11.53 -12.93
C SER A 329 -3.52 -11.01 -13.81
N ALA A 330 -3.55 -11.33 -15.09
CA ALA A 330 -2.49 -10.91 -16.00
C ALA A 330 -2.31 -9.39 -16.02
N ILE A 331 -3.40 -8.65 -15.98
CA ILE A 331 -3.31 -7.20 -15.97
C ILE A 331 -2.71 -6.71 -14.65
N CYS A 332 -3.27 -7.15 -13.53
CA CYS A 332 -2.77 -6.73 -12.22
C CYS A 332 -1.31 -7.11 -12.01
N LEU A 333 -0.99 -8.36 -12.31
CA LEU A 333 0.37 -8.86 -12.15
C LEU A 333 1.41 -8.05 -12.90
N ARG A 334 1.09 -7.61 -14.12
CA ARG A 334 2.06 -6.82 -14.86
C ARG A 334 2.40 -5.54 -14.07
N ARG A 335 1.41 -4.95 -13.40
CA ARG A 335 1.65 -3.74 -12.62
C ARG A 335 2.29 -4.07 -11.26
N ILE A 336 1.84 -5.17 -10.66
CA ILE A 336 2.38 -5.61 -9.38
C ILE A 336 3.88 -5.90 -9.50
N TRP A 337 4.27 -6.62 -10.55
CA TRP A 337 5.68 -6.95 -10.74
C TRP A 337 6.55 -5.71 -10.95
N LYS A 338 6.06 -4.74 -11.72
CA LYS A 338 6.83 -3.53 -11.94
C LYS A 338 6.95 -2.75 -10.62
N ALA A 339 5.91 -2.81 -9.80
CA ALA A 339 5.93 -2.15 -8.50
C ALA A 339 6.89 -2.89 -7.56
N GLU A 340 6.93 -4.22 -7.66
CA GLU A 340 7.84 -5.00 -6.83
C GLU A 340 9.27 -4.68 -7.29
N ARG A 341 9.46 -4.57 -8.60
CA ARG A 341 10.77 -4.27 -9.16
C ARG A 341 11.27 -2.91 -8.69
N PHE A 342 10.42 -1.91 -8.79
CA PHE A 342 10.81 -0.57 -8.35
C PHE A 342 11.08 -0.48 -6.84
N SER A 343 10.26 -1.17 -6.03
CA SER A 343 10.46 -1.16 -4.58
C SER A 343 11.76 -1.87 -4.25
N TRP A 344 12.03 -2.96 -4.96
CA TRP A 344 13.25 -3.72 -4.75
C TRP A 344 14.45 -2.83 -5.09
N TRP A 345 14.34 -2.07 -6.17
CA TRP A 345 15.43 -1.21 -6.58
C TRP A 345 15.69 -0.11 -5.54
N MET A 346 14.63 0.51 -5.06
CA MET A 346 14.77 1.56 -4.06
C MET A 346 15.38 0.98 -2.79
N THR A 347 14.88 -0.18 -2.37
CA THR A 347 15.41 -0.83 -1.18
C THR A 347 16.91 -1.15 -1.33
N SER A 348 17.30 -1.69 -2.47
CA SER A 348 18.70 -2.07 -2.67
C SER A 348 19.69 -0.90 -2.72
N VAL A 349 19.27 0.25 -3.20
CA VAL A 349 20.20 1.38 -3.28
C VAL A 349 20.23 2.22 -2.00
N LEU A 350 19.23 2.06 -1.14
CA LEU A 350 19.18 2.86 0.08
C LEU A 350 19.63 2.19 1.36
N HIS A 351 19.56 0.86 1.41
CA HIS A 351 19.91 0.14 2.63
C HIS A 351 21.30 -0.45 2.74
N ARG A 352 21.71 -0.69 3.98
CA ARG A 352 22.99 -1.32 4.26
C ARG A 352 22.68 -2.81 4.41
N PHE A 353 23.25 -3.63 3.54
CA PHE A 353 23.03 -5.07 3.61
C PHE A 353 24.21 -5.71 4.33
N PRO A 354 23.95 -6.72 5.16
CA PRO A 354 25.01 -7.40 5.91
C PRO A 354 26.00 -8.18 5.05
N ASP A 355 27.25 -8.20 5.50
CA ASP A 355 28.31 -8.91 4.80
C ASP A 355 28.47 -8.46 3.35
N THR A 356 28.33 -7.16 3.10
CA THR A 356 28.48 -6.66 1.74
C THR A 356 29.93 -6.21 1.54
N ASP A 357 30.53 -6.63 0.43
CA ASP A 357 31.92 -6.27 0.14
C ASP A 357 32.12 -4.87 -0.43
N ALA A 358 33.38 -4.48 -0.57
CA ALA A 358 33.76 -3.16 -1.08
C ALA A 358 33.17 -2.84 -2.47
N PHE A 359 33.20 -3.81 -3.37
CA PHE A 359 32.68 -3.59 -4.72
C PHE A 359 31.18 -3.30 -4.67
N SER A 360 30.45 -4.09 -3.88
CA SER A 360 29.00 -3.90 -3.75
C SER A 360 28.70 -2.50 -3.21
N GLN A 361 29.47 -2.07 -2.21
CA GLN A 361 29.28 -0.75 -1.62
C GLN A 361 29.48 0.35 -2.66
N ARG A 362 30.53 0.19 -3.46
CA ARG A 362 30.84 1.17 -4.50
C ARG A 362 29.80 1.18 -5.60
N ILE A 363 29.32 0.00 -5.99
CA ILE A 363 28.32 -0.09 -7.03
C ILE A 363 27.06 0.63 -6.56
N GLN A 364 26.69 0.44 -5.30
CA GLN A 364 25.50 1.08 -4.75
C GLN A 364 25.61 2.61 -4.80
N GLN A 365 26.77 3.14 -4.41
CA GLN A 365 26.97 4.58 -4.44
C GLN A 365 26.89 5.09 -5.88
N THR A 366 27.40 4.29 -6.81
CA THR A 366 27.38 4.68 -8.22
C THR A 366 25.97 4.64 -8.78
N GLU A 367 25.15 3.70 -8.31
CA GLU A 367 23.76 3.61 -8.75
C GLU A 367 23.08 4.93 -8.43
N LEU A 368 23.29 5.40 -7.20
CA LEU A 368 22.70 6.66 -6.76
C LEU A 368 23.21 7.83 -7.58
N GLU A 369 24.52 7.88 -7.79
CA GLU A 369 25.08 9.00 -8.54
C GLU A 369 24.63 9.02 -9.99
N TYR A 370 24.59 7.85 -10.63
CA TYR A 370 24.17 7.81 -12.02
C TYR A 370 22.70 8.19 -12.18
N TYR A 371 21.83 7.55 -11.40
CA TYR A 371 20.40 7.83 -11.51
C TYR A 371 19.99 9.26 -11.13
N LEU A 372 20.61 9.81 -10.08
CA LEU A 372 20.27 11.16 -9.66
C LEU A 372 20.97 12.23 -10.51
N GLY A 373 22.02 11.85 -11.23
CA GLY A 373 22.75 12.80 -12.04
C GLY A 373 22.43 12.74 -13.53
N SER A 374 21.49 11.88 -13.90
CA SER A 374 21.07 11.71 -15.29
C SER A 374 19.59 12.03 -15.45
N GLU A 375 19.24 12.75 -16.51
CA GLU A 375 17.86 13.09 -16.76
C GLU A 375 17.05 11.83 -17.00
N ALA A 376 17.62 10.90 -17.77
CA ALA A 376 16.94 9.63 -18.06
C ALA A 376 16.78 8.86 -16.75
N GLY A 377 17.85 8.81 -15.97
CA GLY A 377 17.79 8.11 -14.69
C GLY A 377 16.75 8.76 -13.79
N LEU A 378 16.77 10.08 -13.72
CA LEU A 378 15.82 10.82 -12.89
C LEU A 378 14.39 10.53 -13.34
N ALA A 379 14.20 10.38 -14.65
CA ALA A 379 12.88 10.10 -15.20
C ALA A 379 12.38 8.72 -14.76
N THR A 380 13.27 7.72 -14.80
CA THR A 380 12.86 6.37 -14.40
C THR A 380 12.37 6.38 -12.96
N ILE A 381 13.02 7.15 -12.09
CA ILE A 381 12.59 7.21 -10.70
C ILE A 381 11.25 7.92 -10.59
N ALA A 382 11.16 9.09 -11.23
CA ALA A 382 9.96 9.90 -11.20
C ALA A 382 8.71 9.18 -11.70
N GLU A 383 8.77 8.59 -12.90
CA GLU A 383 7.59 7.92 -13.43
C GLU A 383 7.15 6.77 -12.53
N ASN A 384 8.12 6.05 -11.95
CA ASN A 384 7.79 4.95 -11.05
C ASN A 384 7.24 5.47 -9.72
N TYR A 385 7.87 6.52 -9.19
CA TYR A 385 7.45 7.08 -7.89
C TYR A 385 6.03 7.63 -7.90
N VAL A 386 5.68 8.41 -8.93
CA VAL A 386 4.34 8.96 -9.02
C VAL A 386 3.35 7.86 -9.41
N GLY A 387 3.90 6.75 -9.91
CA GLY A 387 3.05 5.64 -10.31
C GLY A 387 2.83 5.54 -11.81
N LEU A 388 3.05 4.35 -12.34
CA LEU A 388 2.88 4.12 -13.77
C LEU A 388 1.38 4.21 -14.12
N PRO A 389 1.06 4.49 -15.38
CA PRO A 389 -0.35 4.58 -15.77
C PRO A 389 -1.10 3.26 -15.64
N TYR A 390 -2.34 3.30 -15.19
CA TYR A 390 -3.14 2.09 -15.05
C TYR A 390 -3.36 1.52 -16.44
N GLU A 391 -3.13 0.22 -16.62
CA GLU A 391 -3.31 -0.41 -17.92
C GLU A 391 -4.78 -0.49 -18.27
N GLU A 392 -5.16 0.03 -19.43
CA GLU A 392 -6.55 0.00 -19.86
C GLU A 392 -6.92 -1.44 -20.21
N ILE A 393 -8.13 -1.85 -19.85
CA ILE A 393 -8.58 -3.20 -20.13
C ILE A 393 -8.55 -3.51 -21.62
N GLU A 394 -8.25 -4.78 -21.93
CA GLU A 394 -8.18 -5.25 -23.31
C GLU A 394 -6.84 -4.91 -23.95
#